data_7X6Y
#
_entry.id   7X6Y
#
_cell.length_a   79.915
_cell.length_b   79.915
_cell.length_c   53.083
_cell.angle_alpha   90.000
_cell.angle_beta   90.000
_cell.angle_gamma   120.000
#
_symmetry.space_group_name_H-M   'P 65'
#
loop_
_entity.id
_entity.type
_entity.pdbx_description
1 polymer 'E3 ubiquitin-protein ligase TRIM7'
2 polymer peptide
3 water water
#
loop_
_entity_poly.entity_id
_entity_poly.type
_entity_poly.pdbx_seq_one_letter_code
_entity_poly.pdbx_strand_id
1 'polypeptide(L)'
;KEEKVELTLDPDTANPRLILSLDLKGVRLGERAQDLPNHPCRFDTNTRVLASCGFSSGRHHWEVEVGSKDGWAFGVARES
VRRKGLTPFTPEEGVWALQLNGGQYWAVTSPERSPLSCGHLSRVRVALDLEVGAVSFYAVEDMRHLYTFRVNFQERVFPL
FSVCSTGTYLRIWP
;
A
2 'polypeptide(L)' CSGVTFQ B
#
# COMPACT_ATOMS: atom_id res chain seq x y z
N GLU A 6 0.44 -13.49 -11.67
CA GLU A 6 0.01 -13.17 -10.32
C GLU A 6 1.03 -12.27 -9.60
N LEU A 7 0.53 -11.30 -8.85
CA LEU A 7 1.39 -10.34 -8.18
C LEU A 7 2.09 -10.98 -6.99
N THR A 8 3.36 -10.62 -6.80
CA THR A 8 4.08 -10.96 -5.58
C THR A 8 4.80 -9.72 -5.07
N LEU A 9 5.06 -9.70 -3.76
CA LEU A 9 5.81 -8.62 -3.15
C LEU A 9 7.29 -8.73 -3.52
N ASP A 10 7.94 -7.58 -3.67
CA ASP A 10 9.31 -7.56 -4.13
C ASP A 10 10.22 -7.41 -2.92
N PRO A 11 10.93 -8.46 -2.49
CA PRO A 11 11.74 -8.35 -1.27
C PRO A 11 12.86 -7.33 -1.37
N ASP A 12 13.32 -7.00 -2.57
CA ASP A 12 14.39 -6.03 -2.69
C ASP A 12 13.94 -4.61 -2.39
N THR A 13 12.62 -4.35 -2.38
CA THR A 13 12.12 -3.03 -2.01
C THR A 13 11.75 -2.93 -0.55
N ALA A 14 11.60 -4.06 0.14
CA ALA A 14 10.95 -4.08 1.44
C ALA A 14 11.82 -3.46 2.52
N ASN A 15 11.22 -2.59 3.33
CA ASN A 15 11.86 -2.14 4.54
C ASN A 15 12.33 -3.35 5.35
N PRO A 16 13.56 -3.33 5.88
CA PRO A 16 14.10 -4.54 6.53
C PRO A 16 13.38 -4.96 7.79
N ARG A 17 12.49 -4.13 8.35
CA ARG A 17 11.71 -4.54 9.50
C ARG A 17 10.48 -5.35 9.11
N LEU A 18 10.04 -5.26 7.85
CA LEU A 18 8.89 -6.03 7.40
C LEU A 18 9.25 -7.50 7.30
N ILE A 19 8.26 -8.36 7.51
CA ILE A 19 8.41 -9.78 7.29
C ILE A 19 7.46 -10.19 6.18
N LEU A 20 8.01 -10.72 5.10
CA LEU A 20 7.22 -11.18 3.97
C LEU A 20 6.97 -12.68 4.12
N SER A 21 5.79 -13.12 3.71
CA SER A 21 5.48 -14.54 3.76
C SER A 21 6.34 -15.29 2.74
N LEU A 22 6.43 -16.61 2.95
CA LEU A 22 7.22 -17.46 2.05
C LEU A 22 6.73 -17.36 0.61
N ASP A 23 5.42 -17.31 0.41
CA ASP A 23 4.85 -17.21 -0.93
C ASP A 23 4.91 -15.79 -1.49
N LEU A 24 5.47 -14.84 -0.76
CA LEU A 24 5.65 -13.46 -1.20
C LEU A 24 4.31 -12.76 -1.45
N LYS A 25 3.23 -13.23 -0.83
CA LYS A 25 1.93 -12.58 -0.93
C LYS A 25 1.62 -11.69 0.26
N GLY A 26 2.16 -12.02 1.43
CA GLY A 26 1.78 -11.35 2.67
C GLY A 26 2.90 -10.53 3.27
N VAL A 27 2.53 -9.51 4.04
CA VAL A 27 3.49 -8.66 4.72
C VAL A 27 2.92 -8.27 6.08
N ARG A 28 3.76 -8.34 7.10
CA ARG A 28 3.48 -7.73 8.40
C ARG A 28 4.75 -7.06 8.86
N LEU A 29 4.65 -6.35 9.99
CA LEU A 29 5.80 -5.69 10.58
C LEU A 29 6.41 -6.59 11.64
N GLY A 30 7.73 -6.79 11.57
CA GLY A 30 8.43 -7.57 12.57
C GLY A 30 9.03 -6.71 13.66
N GLU A 31 9.60 -7.38 14.65
CA GLU A 31 10.18 -6.73 15.83
C GLU A 31 11.67 -6.44 15.67
N ARG A 32 12.31 -6.94 14.62
CA ARG A 32 13.73 -6.77 14.42
C ARG A 32 14.01 -6.48 12.95
N ALA A 33 15.01 -5.62 12.71
CA ALA A 33 15.42 -5.31 11.36
C ALA A 33 16.29 -6.44 10.81
N GLN A 34 15.90 -6.97 9.66
CA GLN A 34 16.73 -7.97 8.99
C GLN A 34 17.98 -7.31 8.43
N ASP A 35 19.05 -8.10 8.34
CA ASP A 35 20.31 -7.62 7.77
C ASP A 35 20.23 -7.86 6.28
N LEU A 36 19.79 -6.84 5.54
CA LEU A 36 19.59 -6.91 4.11
C LEU A 36 20.47 -5.89 3.41
N PRO A 37 20.85 -6.13 2.15
CA PRO A 37 21.64 -5.12 1.42
C PRO A 37 20.82 -3.85 1.20
N ASN A 38 21.49 -2.69 1.30
CA ASN A 38 20.81 -1.41 1.17
C ASN A 38 20.79 -0.98 -0.30
N HIS A 39 19.88 -1.60 -1.03
CA HIS A 39 19.70 -1.32 -2.44
C HIS A 39 19.05 0.07 -2.56
N PRO A 40 19.39 0.87 -3.59
CA PRO A 40 18.67 2.14 -3.78
C PRO A 40 17.15 2.02 -3.91
N CYS A 41 16.64 0.86 -4.28
CA CYS A 41 15.19 0.69 -4.36
C CYS A 41 14.55 0.27 -3.03
N ARG A 42 15.33 0.04 -1.98
CA ARG A 42 14.77 -0.41 -0.71
C ARG A 42 14.32 0.77 0.15
N PHE A 43 13.09 0.72 0.62
CA PHE A 43 12.62 1.69 1.61
C PHE A 43 13.40 1.48 2.90
N ASP A 44 14.15 2.49 3.33
CA ASP A 44 15.02 2.28 4.49
C ASP A 44 14.43 2.76 5.81
N THR A 45 13.32 3.49 5.78
CA THR A 45 12.75 4.05 7.00
C THR A 45 11.24 3.82 7.07
N ASN A 46 10.51 4.22 6.03
CA ASN A 46 9.08 3.96 6.03
C ASN A 46 8.84 2.48 5.77
N THR A 47 7.76 1.97 6.36
CA THR A 47 7.49 0.53 6.45
C THR A 47 6.79 0.00 5.20
N ARG A 48 7.42 0.19 4.04
CA ARG A 48 6.77 -0.04 2.76
C ARG A 48 7.44 -1.16 1.97
N VAL A 49 6.65 -1.74 1.07
CA VAL A 49 7.12 -2.70 0.08
C VAL A 49 6.26 -2.55 -1.16
N LEU A 50 6.87 -2.74 -2.33
CA LEU A 50 6.14 -2.72 -3.59
C LEU A 50 6.02 -4.14 -4.15
N ALA A 51 5.04 -4.34 -5.02
CA ALA A 51 5.03 -5.55 -5.82
C ALA A 51 6.18 -5.52 -6.82
N SER A 52 6.57 -6.70 -7.30
CA SER A 52 7.66 -6.75 -8.28
C SER A 52 7.24 -6.28 -9.66
N CYS A 53 5.93 -6.22 -9.93
CA CYS A 53 5.40 -5.81 -11.22
C CYS A 53 4.95 -4.36 -11.14
N GLY A 54 5.38 -3.55 -12.11
CA GLY A 54 4.86 -2.21 -12.30
C GLY A 54 4.15 -2.07 -13.62
N PHE A 55 3.32 -1.04 -13.77
CA PHE A 55 2.48 -0.88 -14.95
C PHE A 55 2.66 0.50 -15.55
N SER A 56 2.79 0.54 -16.87
CA SER A 56 2.92 1.80 -17.60
C SER A 56 1.70 2.15 -18.43
N SER A 57 0.87 1.16 -18.75
CA SER A 57 -0.32 1.37 -19.56
C SER A 57 -1.34 0.31 -19.19
N GLY A 58 -2.55 0.46 -19.70
CA GLY A 58 -3.58 -0.54 -19.56
C GLY A 58 -4.36 -0.41 -18.27
N ARG A 59 -5.20 -1.43 -18.04
CA ARG A 59 -6.06 -1.51 -16.86
C ARG A 59 -5.78 -2.83 -16.15
N HIS A 60 -5.73 -2.78 -14.82
CA HIS A 60 -5.24 -3.89 -14.02
C HIS A 60 -6.04 -4.02 -12.74
N HIS A 61 -6.25 -5.27 -12.33
CA HIS A 61 -6.91 -5.59 -11.06
C HIS A 61 -5.99 -6.43 -10.20
N TRP A 62 -6.09 -6.22 -8.90
CA TRP A 62 -5.58 -7.17 -7.92
C TRP A 62 -6.43 -7.02 -6.66
N GLU A 63 -6.29 -7.97 -5.75
CA GLU A 63 -7.05 -7.95 -4.52
C GLU A 63 -6.11 -8.06 -3.33
N VAL A 64 -6.52 -7.41 -2.24
CA VAL A 64 -5.71 -7.31 -1.03
C VAL A 64 -6.59 -7.69 0.15
N GLU A 65 -6.21 -8.78 0.83
CA GLU A 65 -6.82 -9.16 2.09
C GLU A 65 -6.21 -8.28 3.18
N VAL A 66 -7.06 -7.70 4.03
CA VAL A 66 -6.62 -6.69 4.99
C VAL A 66 -6.90 -7.18 6.40
N GLY A 67 -5.97 -6.90 7.31
CA GLY A 67 -6.20 -7.19 8.71
C GLY A 67 -7.30 -6.33 9.31
N SER A 68 -7.87 -6.83 10.40
CA SER A 68 -8.98 -6.14 11.05
C SER A 68 -8.52 -4.98 11.93
N LYS A 69 -7.23 -4.87 12.23
CA LYS A 69 -6.75 -3.86 13.17
C LYS A 69 -5.78 -2.86 12.51
N ASP A 70 -5.57 -1.76 13.23
CA ASP A 70 -4.81 -0.62 12.73
C ASP A 70 -3.40 -1.02 12.31
N GLY A 71 -2.87 -0.28 11.34
CA GLY A 71 -1.46 -0.37 11.02
C GLY A 71 -1.15 -0.43 9.55
N TRP A 72 -2.15 -0.72 8.72
CA TRP A 72 -1.90 -0.92 7.30
C TRP A 72 -2.32 0.27 6.43
N ALA A 73 -1.66 0.38 5.29
CA ALA A 73 -2.10 1.23 4.20
C ALA A 73 -1.66 0.55 2.91
N PHE A 74 -2.48 0.65 1.87
CA PHE A 74 -2.11 0.01 0.61
C PHE A 74 -2.77 0.76 -0.55
N GLY A 75 -2.17 0.59 -1.72
CA GLY A 75 -2.74 1.16 -2.91
C GLY A 75 -1.72 1.09 -4.02
N VAL A 76 -1.33 2.24 -4.55
CA VAL A 76 -0.32 2.30 -5.59
C VAL A 76 0.64 3.44 -5.28
N ALA A 77 1.83 3.34 -5.86
CA ALA A 77 2.86 4.37 -5.76
C ALA A 77 3.47 4.58 -7.14
N ARG A 78 3.75 5.84 -7.46
CA ARG A 78 4.58 6.10 -8.62
C ARG A 78 5.97 5.54 -8.38
N GLU A 79 6.61 5.05 -9.45
CA GLU A 79 7.92 4.41 -9.29
C GLU A 79 8.93 5.33 -8.59
N SER A 80 8.83 6.64 -8.84
CA SER A 80 9.78 7.60 -8.26
C SER A 80 9.52 7.89 -6.78
N VAL A 81 8.57 7.19 -6.15
CA VAL A 81 8.34 7.37 -4.71
C VAL A 81 9.67 7.31 -3.98
N ARG A 82 9.90 8.25 -3.09
CA ARG A 82 11.17 8.33 -2.37
C ARG A 82 11.36 7.14 -1.45
N ARG A 83 12.54 6.51 -1.52
CA ARG A 83 12.81 5.31 -0.74
C ARG A 83 13.65 5.59 0.50
N LYS A 84 14.38 6.70 0.55
CA LYS A 84 15.41 6.90 1.56
C LYS A 84 15.01 8.00 2.54
N GLY A 85 15.23 7.74 3.82
CA GLY A 85 14.86 8.67 4.87
C GLY A 85 13.39 8.58 5.22
N LEU A 86 13.01 9.28 6.27
CA LEU A 86 11.61 9.35 6.65
C LEU A 86 10.87 10.27 5.69
N THR A 87 9.85 9.76 5.02
CA THR A 87 9.12 10.55 4.04
C THR A 87 7.64 10.63 4.42
N PRO A 88 6.95 11.68 3.96
CA PRO A 88 5.49 11.73 4.17
C PRO A 88 4.78 10.63 3.41
N PHE A 89 3.65 10.19 3.96
CA PHE A 89 2.77 9.21 3.29
C PHE A 89 1.59 9.99 2.71
N THR A 90 1.80 10.60 1.55
CA THR A 90 0.83 11.54 1.00
C THR A 90 0.78 11.43 -0.52
N PRO A 91 -0.33 11.85 -1.13
CA PRO A 91 -0.39 11.89 -2.60
C PRO A 91 0.74 12.68 -3.24
N GLU A 92 1.20 13.74 -2.59
CA GLU A 92 2.28 14.54 -3.15
C GLU A 92 3.57 13.74 -3.28
N GLU A 93 3.81 12.80 -2.37
CA GLU A 93 4.94 11.91 -2.47
C GLU A 93 4.68 10.75 -3.44
N GLY A 94 3.54 10.74 -4.10
CA GLY A 94 3.26 9.71 -5.08
C GLY A 94 2.72 8.43 -4.50
N VAL A 95 2.00 8.49 -3.38
CA VAL A 95 1.30 7.33 -2.84
C VAL A 95 -0.19 7.63 -2.84
N TRP A 96 -0.97 6.67 -3.32
CA TRP A 96 -2.43 6.80 -3.39
C TRP A 96 -2.98 5.54 -2.73
N ALA A 97 -3.56 5.70 -1.54
CA ALA A 97 -3.74 4.55 -0.66
C ALA A 97 -4.97 4.72 0.24
N LEU A 98 -5.50 3.58 0.65
CA LEU A 98 -6.42 3.47 1.78
C LEU A 98 -5.63 3.06 3.02
N GLN A 99 -6.20 3.34 4.19
CA GLN A 99 -5.48 3.15 5.43
C GLN A 99 -6.46 2.82 6.55
N LEU A 100 -6.02 1.99 7.49
CA LEU A 100 -6.77 1.72 8.72
C LEU A 100 -5.91 2.24 9.87
N ASN A 101 -6.38 3.30 10.53
CA ASN A 101 -5.61 3.94 11.59
C ASN A 101 -6.58 4.63 12.53
N GLY A 102 -6.30 4.54 13.83
CA GLY A 102 -7.20 5.12 14.82
C GLY A 102 -8.59 4.50 14.81
N GLY A 103 -8.70 3.25 14.39
CA GLY A 103 -9.99 2.59 14.33
C GLY A 103 -10.89 3.07 13.22
N GLN A 104 -10.34 3.78 12.23
CA GLN A 104 -11.11 4.38 11.16
C GLN A 104 -10.46 4.01 9.82
N TYR A 105 -11.30 3.75 8.82
CA TYR A 105 -10.81 3.60 7.46
C TYR A 105 -10.70 4.98 6.82
N TRP A 106 -9.60 5.20 6.10
CA TRP A 106 -9.34 6.48 5.46
C TRP A 106 -8.94 6.27 4.01
N ALA A 107 -9.34 7.19 3.16
CA ALA A 107 -8.60 7.45 1.93
C ALA A 107 -7.56 8.49 2.28
N VAL A 108 -6.31 8.21 1.94
CA VAL A 108 -5.21 9.07 2.36
C VAL A 108 -5.08 10.26 1.40
N THR A 109 -6.06 11.14 1.46
CA THR A 109 -5.97 12.45 0.83
C THR A 109 -5.12 13.37 1.71
N SER A 110 -4.78 14.53 1.17
CA SER A 110 -3.94 15.50 1.86
C SER A 110 -4.48 16.90 1.58
N PRO A 111 -4.27 17.85 2.51
CA PRO A 111 -3.54 17.72 3.79
C PRO A 111 -4.31 16.95 4.85
N GLU A 112 -5.62 16.76 4.69
CA GLU A 112 -6.41 15.99 5.63
C GLU A 112 -6.91 14.72 4.95
N ARG A 113 -6.80 13.60 5.66
CA ARG A 113 -7.32 12.33 5.18
C ARG A 113 -8.85 12.36 5.15
N SER A 114 -9.43 11.47 4.36
CA SER A 114 -10.88 11.44 4.16
C SER A 114 -11.44 10.20 4.85
N PRO A 115 -12.22 10.34 5.91
CA PRO A 115 -12.75 9.17 6.60
C PRO A 115 -13.81 8.49 5.76
N LEU A 116 -13.74 7.17 5.67
CA LEU A 116 -14.69 6.38 4.88
C LEU A 116 -15.70 5.72 5.79
N SER A 117 -16.97 5.84 5.45
CA SER A 117 -18.04 5.18 6.19
C SER A 117 -18.45 3.89 5.52
N CYS A 118 -17.46 3.04 5.23
CA CYS A 118 -17.65 1.87 4.40
C CYS A 118 -17.99 0.60 5.17
N GLY A 119 -17.94 0.63 6.50
CA GLY A 119 -18.12 -0.60 7.25
C GLY A 119 -16.88 -1.49 7.18
N HIS A 120 -16.98 -2.65 7.82
CA HIS A 120 -15.83 -3.53 7.98
C HIS A 120 -15.30 -4.01 6.63
N LEU A 121 -13.98 -4.01 6.47
CA LEU A 121 -13.33 -4.48 5.26
C LEU A 121 -12.58 -5.78 5.54
N SER A 122 -12.71 -6.74 4.62
CA SER A 122 -12.00 -8.00 4.68
C SER A 122 -11.04 -8.16 3.51
N ARG A 123 -11.51 -7.89 2.29
CA ARG A 123 -10.68 -7.95 1.11
C ARG A 123 -11.13 -6.84 0.17
N VAL A 124 -10.18 -6.20 -0.49
CA VAL A 124 -10.45 -5.03 -1.33
C VAL A 124 -9.90 -5.32 -2.73
N ARG A 125 -10.70 -5.01 -3.75
CA ARG A 125 -10.25 -5.07 -5.14
C ARG A 125 -9.74 -3.69 -5.55
N VAL A 126 -8.52 -3.66 -6.08
CA VAL A 126 -7.91 -2.44 -6.60
C VAL A 126 -8.01 -2.47 -8.11
N ALA A 127 -8.53 -1.40 -8.70
CA ALA A 127 -8.64 -1.27 -10.16
C ALA A 127 -7.79 -0.08 -10.57
N LEU A 128 -6.69 -0.36 -11.25
CA LEU A 128 -5.79 0.68 -11.73
C LEU A 128 -6.05 0.89 -13.22
N ASP A 129 -6.29 2.14 -13.60
CA ASP A 129 -6.57 2.49 -15.00
C ASP A 129 -5.56 3.53 -15.43
N LEU A 130 -4.53 3.08 -16.16
CA LEU A 130 -3.50 3.98 -16.67
C LEU A 130 -3.86 4.60 -18.00
N GLU A 131 -4.97 4.17 -18.61
CA GLU A 131 -5.41 4.79 -19.85
C GLU A 131 -6.15 6.09 -19.57
N VAL A 132 -7.01 6.09 -18.56
CA VAL A 132 -7.80 7.26 -18.21
C VAL A 132 -7.14 8.01 -17.05
N GLY A 133 -6.44 7.29 -16.18
CA GLY A 133 -5.76 7.91 -15.05
C GLY A 133 -6.55 7.87 -13.76
N ALA A 134 -6.69 6.68 -13.18
CA ALA A 134 -7.44 6.55 -11.94
C ALA A 134 -7.00 5.28 -11.24
N VAL A 135 -7.16 5.27 -9.92
CA VAL A 135 -7.03 4.05 -9.13
C VAL A 135 -8.22 4.00 -8.17
N SER A 136 -8.94 2.89 -8.19
CA SER A 136 -10.18 2.76 -7.45
C SER A 136 -10.11 1.54 -6.55
N PHE A 137 -10.88 1.60 -5.47
CA PHE A 137 -10.91 0.57 -4.44
C PHE A 137 -12.35 0.14 -4.19
N TYR A 138 -12.59 -1.17 -4.12
CA TYR A 138 -13.92 -1.73 -3.92
C TYR A 138 -13.87 -2.82 -2.86
N ALA A 139 -14.85 -2.84 -1.97
CA ALA A 139 -14.97 -3.94 -1.01
C ALA A 139 -15.60 -5.12 -1.71
N VAL A 140 -14.96 -6.30 -1.62
CA VAL A 140 -15.31 -7.38 -2.54
C VAL A 140 -16.68 -8.00 -2.29
N GLU A 141 -17.21 -7.93 -1.07
CA GLU A 141 -18.48 -8.61 -0.77
C GLU A 141 -19.60 -8.12 -1.69
N ASP A 142 -19.64 -6.83 -1.99
CA ASP A 142 -20.66 -6.28 -2.86
C ASP A 142 -20.08 -5.33 -3.90
N MET A 143 -18.74 -5.24 -4.00
CA MET A 143 -18.07 -4.27 -4.88
C MET A 143 -18.51 -2.83 -4.62
N ARG A 144 -18.93 -2.52 -3.41
CA ARG A 144 -19.23 -1.13 -3.11
C ARG A 144 -17.96 -0.31 -3.27
N HIS A 145 -18.13 0.89 -3.80
CA HIS A 145 -17.02 1.77 -4.07
C HIS A 145 -16.51 2.37 -2.77
N LEU A 146 -15.20 2.27 -2.54
CA LEU A 146 -14.57 2.84 -1.36
C LEU A 146 -13.99 4.22 -1.64
N TYR A 147 -13.19 4.35 -2.70
CA TYR A 147 -12.60 5.62 -3.06
C TYR A 147 -11.96 5.49 -4.45
N THR A 148 -11.92 6.61 -5.18
CA THR A 148 -11.16 6.68 -6.42
C THR A 148 -10.27 7.92 -6.36
N PHE A 149 -8.97 7.72 -6.57
CA PHE A 149 -8.06 8.83 -6.83
C PHE A 149 -7.94 8.99 -8.35
N ARG A 150 -8.25 10.17 -8.86
CA ARG A 150 -8.06 10.48 -10.27
C ARG A 150 -6.72 11.19 -10.41
N VAL A 151 -5.79 10.57 -11.13
CA VAL A 151 -4.41 11.03 -11.22
C VAL A 151 -3.94 10.91 -12.66
N ASN A 152 -3.34 11.98 -13.18
CA ASN A 152 -2.65 11.90 -14.48
C ASN A 152 -1.26 11.32 -14.21
N PHE A 153 -1.20 10.00 -14.11
CA PHE A 153 0.08 9.34 -13.85
C PHE A 153 1.05 9.63 -14.99
N GLN A 154 2.29 9.93 -14.62
CA GLN A 154 3.31 10.35 -15.58
C GLN A 154 4.51 9.42 -15.61
N GLU A 155 4.37 8.22 -15.04
CA GLU A 155 5.45 7.24 -14.98
C GLU A 155 4.83 5.90 -14.62
N ARG A 156 5.68 4.87 -14.49
CA ARG A 156 5.16 3.56 -14.08
C ARG A 156 4.59 3.63 -12.68
N VAL A 157 3.58 2.78 -12.44
CA VAL A 157 2.87 2.74 -11.16
C VAL A 157 2.95 1.33 -10.61
N PHE A 158 3.28 1.21 -9.32
CA PHE A 158 3.47 -0.08 -8.66
C PHE A 158 2.45 -0.27 -7.54
N PRO A 159 1.93 -1.49 -7.36
CA PRO A 159 1.16 -1.79 -6.15
C PRO A 159 2.02 -1.54 -4.93
N LEU A 160 1.42 -0.90 -3.91
CA LEU A 160 2.11 -0.42 -2.72
C LEU A 160 1.46 -1.01 -1.48
N PHE A 161 2.30 -1.38 -0.51
CA PHE A 161 1.83 -1.95 0.76
C PHE A 161 2.68 -1.38 1.88
N SER A 162 2.03 -1.06 3.01
CA SER A 162 2.74 -0.53 4.16
C SER A 162 2.09 -1.05 5.43
N VAL A 163 2.92 -1.48 6.39
CA VAL A 163 2.42 -1.98 7.67
C VAL A 163 3.34 -1.39 8.75
N CYS A 164 2.81 -0.45 9.54
CA CYS A 164 3.64 0.34 10.45
C CYS A 164 3.51 -0.07 11.91
N SER A 165 2.71 -1.09 12.20
CA SER A 165 2.66 -1.62 13.56
C SER A 165 2.44 -3.11 13.48
N THR A 166 2.77 -3.79 14.58
CA THR A 166 2.50 -5.22 14.66
C THR A 166 1.00 -5.42 14.87
N GLY A 167 0.56 -6.67 14.72
CA GLY A 167 -0.85 -6.94 14.95
C GLY A 167 -1.78 -6.66 13.80
N THR A 168 -1.26 -6.42 12.59
CA THR A 168 -2.07 -6.41 11.39
C THR A 168 -1.22 -6.90 10.22
N TYR A 169 -1.86 -7.02 9.06
CA TYR A 169 -1.17 -7.55 7.89
C TYR A 169 -1.90 -7.13 6.63
N LEU A 170 -1.24 -7.35 5.50
CA LEU A 170 -1.84 -7.24 4.17
C LEU A 170 -1.42 -8.48 3.39
N ARG A 171 -2.30 -8.95 2.52
CA ARG A 171 -2.02 -10.14 1.72
C ARG A 171 -2.60 -9.98 0.32
N ILE A 172 -1.74 -10.14 -0.68
CA ILE A 172 -2.21 -10.23 -2.06
C ILE A 172 -3.01 -11.51 -2.20
N TRP A 173 -4.21 -11.40 -2.79
CA TRP A 173 -5.09 -12.54 -2.86
C TRP A 173 -5.42 -12.77 -4.32
N PRO A 174 -5.18 -13.98 -4.85
CA PRO A 174 -5.29 -14.36 -6.25
C PRO A 174 -6.19 -15.58 -6.47
N CYS B 1 0.50 6.12 20.35
CA CYS B 1 1.68 5.57 19.68
C CYS B 1 1.27 4.51 18.66
N SER B 2 0.83 4.95 17.49
CA SER B 2 0.36 4.03 16.46
C SER B 2 1.46 3.65 15.47
N GLY B 3 2.53 4.43 15.37
CA GLY B 3 3.56 4.20 14.38
C GLY B 3 3.26 4.78 13.02
N VAL B 4 2.12 5.46 12.85
CA VAL B 4 1.68 5.92 11.55
C VAL B 4 2.64 6.92 10.92
N THR B 5 3.49 7.58 11.71
CA THR B 5 4.53 8.44 11.14
C THR B 5 5.39 7.70 10.13
N PHE B 6 5.56 6.39 10.31
CA PHE B 6 6.44 5.60 9.45
C PHE B 6 5.70 4.89 8.32
N GLN B 7 4.41 5.13 8.16
CA GLN B 7 3.66 4.52 7.08
C GLN B 7 4.32 4.80 5.72
#